data_3U6C
#
_entry.id   3U6C
#
_cell.length_a   45.188
_cell.length_b   93.541
_cell.length_c   104.650
_cell.angle_alpha   90.00
_cell.angle_beta   90.00
_cell.angle_gamma   90.00
#
_symmetry.space_group_name_H-M   'P 21 21 21'
#
loop_
_entity.id
_entity.type
_entity.pdbx_description
1 polymer 'Formamidopyrimidine-DNA glycosylase'
2 polymer "DNA (5'-D(*GP*GP*TP*AP*GP*AP*TP*CP*CP*TP*GP*AP*C)-3')"
3 polymer "DNA (5'-D(P*CP*AP*(8OG)P*GP*AP*(TX)P*CP*TP*AP*C)-3')"
4 non-polymer 'ZINC ION'
5 water water
#
loop_
_entity_poly.entity_id
_entity_poly.type
_entity_poly.pdbx_seq_one_letter_code
_entity_poly.pdbx_strand_id
1 'polypeptide(L)'
;PQLPEVETIRRTLLPLIVGKTIEDVRIFWPNIIRHPRDSEAFAARMIGQTVRGLERRGKFLKFLLDRDALISHLRMEGRY
AVASALEPLEPHTHVVFCFTDGSELRYRDVRKFGTMHVYAKEEADRRPPLAELGPEPLSPAFSPAVLAERAVKTKRSVKA
LLLDCTVVAGFGNIYVDESLFRAGILPGRPAASLSSKEIERLHEEMVATIGEAVMKGGSTPRTYVNTQGEAGTFQHHLYV
YGRQGNPCKRCGTPIEKTVVAGRGTHYCPRCQR
;
A
2 'polydeoxyribonucleotide' (DG)(DG)(DT)(DA)(DG)(DA)(DT)(DC)(DC)(DT)(DG)(DA)(DC) B
3 'polydeoxyribonucleotide' (DC)(DA)(8OG)(DG)(DA)(08Q)(DC)(DT)(DA)(DC) C
#
# COMPACT_ATOMS: atom_id res chain seq x y z
N PRO A 1 2.57 -2.63 -6.27
CA PRO A 1 2.35 -3.75 -5.35
C PRO A 1 1.30 -3.44 -4.30
N GLN A 2 0.52 -4.46 -3.91
CA GLN A 2 -0.50 -4.28 -2.88
C GLN A 2 0.05 -4.66 -1.51
N LEU A 3 -0.75 -4.49 -0.47
CA LEU A 3 -0.31 -4.72 0.90
C LEU A 3 0.45 -6.04 1.09
N PRO A 4 -0.12 -7.15 0.62
CA PRO A 4 0.58 -8.43 0.76
C PRO A 4 1.97 -8.40 0.13
N GLU A 5 2.08 -7.81 -1.06
CA GLU A 5 3.36 -7.71 -1.74
C GLU A 5 4.32 -6.82 -0.95
N VAL A 6 3.81 -5.73 -0.41
CA VAL A 6 4.64 -4.82 0.38
C VAL A 6 5.17 -5.51 1.62
N GLU A 7 4.33 -6.32 2.26
CA GLU A 7 4.78 -7.09 3.41
C GLU A 7 5.90 -8.03 3.02
N THR A 8 5.77 -8.66 1.86
CA THR A 8 6.82 -9.55 1.35
C THR A 8 8.11 -8.77 1.11
N ILE A 9 7.99 -7.57 0.55
CA ILE A 9 9.14 -6.72 0.31
C ILE A 9 9.83 -6.37 1.63
N ARG A 10 9.04 -5.97 2.62
CA ARG A 10 9.57 -5.64 3.93
C ARG A 10 10.38 -6.81 4.49
N ARG A 11 9.80 -8.00 4.42
CA ARG A 11 10.42 -9.21 4.97
CA ARG A 11 10.43 -9.19 4.98
C ARG A 11 11.71 -9.58 4.26
N THR A 12 11.69 -9.51 2.93
CA THR A 12 12.83 -9.93 2.13
C THR A 12 13.93 -8.88 2.01
N LEU A 13 13.56 -7.61 2.02
CA LEU A 13 14.51 -6.52 1.85
C LEU A 13 15.37 -6.29 3.09
N LEU A 14 14.77 -6.44 4.26
CA LEU A 14 15.44 -6.13 5.53
C LEU A 14 16.84 -6.75 5.68
N PRO A 15 16.94 -8.08 5.53
CA PRO A 15 18.26 -8.70 5.73
C PRO A 15 19.29 -8.23 4.68
N LEU A 16 18.82 -7.72 3.56
CA LEU A 16 19.71 -7.28 2.50
C LEU A 16 20.30 -5.89 2.74
N ILE A 17 19.73 -5.14 3.68
CA ILE A 17 20.19 -3.79 3.94
C ILE A 17 20.53 -3.50 5.41
N VAL A 18 20.01 -4.31 6.32
CA VAL A 18 20.23 -4.06 7.75
C VAL A 18 21.72 -4.00 8.08
N GLY A 19 22.11 -2.99 8.85
CA GLY A 19 23.48 -2.84 9.28
C GLY A 19 24.38 -2.10 8.30
N LYS A 20 23.85 -1.79 7.11
CA LYS A 20 24.61 -1.05 6.11
C LYS A 20 24.53 0.46 6.34
N THR A 21 25.63 1.15 6.05
CA THR A 21 25.72 2.58 6.27
C THR A 21 25.68 3.35 4.96
N ILE A 22 24.83 4.38 4.92
CA ILE A 22 24.68 5.17 3.70
C ILE A 22 25.88 6.10 3.47
N GLU A 23 26.47 6.03 2.29
CA GLU A 23 27.60 6.90 1.95
C GLU A 23 27.19 7.99 0.96
N ASP A 24 26.14 7.72 0.18
CA ASP A 24 25.66 8.68 -0.80
C ASP A 24 24.19 8.42 -1.11
N VAL A 25 23.48 9.46 -1.54
CA VAL A 25 22.12 9.30 -2.02
C VAL A 25 22.00 10.05 -3.33
N ARG A 26 21.66 9.34 -4.39
CA ARG A 26 21.59 9.94 -5.71
C ARG A 26 20.15 9.98 -6.21
N ILE A 27 19.73 11.16 -6.68
CA ILE A 27 18.34 11.37 -7.06
C ILE A 27 18.23 11.84 -8.50
N PHE A 28 17.52 11.08 -9.32
CA PHE A 28 17.44 11.36 -10.75
C PHE A 28 16.05 11.88 -11.14
N TRP A 29 15.11 11.82 -10.20
CA TRP A 29 13.80 12.45 -10.37
C TRP A 29 13.35 13.04 -9.03
N PRO A 30 13.71 14.31 -8.79
CA PRO A 30 13.51 14.98 -7.50
C PRO A 30 12.07 14.99 -7.02
N ASN A 31 11.12 14.96 -7.95
CA ASN A 31 9.70 15.01 -7.58
C ASN A 31 9.26 13.87 -6.66
N ILE A 32 9.99 12.76 -6.70
CA ILE A 32 9.72 11.63 -5.81
C ILE A 32 9.89 12.07 -4.35
N ILE A 33 10.88 12.93 -4.12
CA ILE A 33 11.18 13.42 -2.77
C ILE A 33 10.13 14.44 -2.32
N ARG A 34 9.41 14.11 -1.25
CA ARG A 34 8.32 14.97 -0.78
C ARG A 34 8.68 15.74 0.50
N HIS A 35 9.58 15.19 1.29
CA HIS A 35 10.10 15.89 2.47
C HIS A 35 11.43 15.30 2.90
N PRO A 36 12.42 16.17 3.17
CA PRO A 36 12.36 17.63 2.98
C PRO A 36 12.03 17.95 1.52
N ARG A 37 11.41 19.09 1.27
CA ARG A 37 11.01 19.45 -0.09
C ARG A 37 12.24 19.53 -1.01
N ASP A 38 13.35 20.00 -0.46
CA ASP A 38 14.60 20.09 -1.20
C ASP A 38 15.28 18.72 -1.25
N SER A 39 15.40 18.17 -2.46
CA SER A 39 16.01 16.85 -2.61
C SER A 39 17.46 16.81 -2.15
N GLU A 40 18.14 17.95 -2.17
CA GLU A 40 19.53 18.01 -1.72
C GLU A 40 19.63 17.88 -0.19
N ALA A 41 18.60 18.35 0.51
CA ALA A 41 18.55 18.21 1.96
C ALA A 41 18.21 16.78 2.34
N PHE A 42 17.30 16.18 1.57
CA PHE A 42 16.95 14.77 1.71
C PHE A 42 18.21 13.90 1.63
N ALA A 43 18.99 14.09 0.56
CA ALA A 43 20.20 13.31 0.37
C ALA A 43 21.23 13.54 1.48
N ALA A 44 21.48 14.81 1.80
CA ALA A 44 22.51 15.17 2.77
C ALA A 44 22.27 14.57 4.15
N ARG A 45 21.02 14.59 4.60
CA ARG A 45 20.74 14.17 5.97
C ARG A 45 20.89 12.66 6.15
N MET A 46 20.69 11.91 5.08
CA MET A 46 20.74 10.45 5.19
CA MET A 46 20.75 10.45 5.14
C MET A 46 22.18 9.92 5.22
N ILE A 47 23.10 10.66 4.63
CA ILE A 47 24.49 10.23 4.59
C ILE A 47 25.08 10.03 5.99
N GLY A 48 25.71 8.89 6.21
CA GLY A 48 26.31 8.58 7.50
C GLY A 48 25.42 7.77 8.41
N GLN A 49 24.14 7.63 8.05
CA GLN A 49 23.22 6.85 8.86
C GLN A 49 23.21 5.37 8.46
N THR A 50 23.03 4.51 9.45
CA THR A 50 22.99 3.07 9.22
C THR A 50 21.55 2.58 9.27
N VAL A 51 21.22 1.64 8.39
CA VAL A 51 19.89 1.03 8.38
C VAL A 51 19.73 0.10 9.59
N ARG A 52 18.71 0.34 10.39
CA ARG A 52 18.52 -0.44 11.61
C ARG A 52 17.28 -1.34 11.56
N GLY A 53 16.31 -0.99 10.73
CA GLY A 53 15.09 -1.77 10.64
C GLY A 53 14.22 -1.41 9.45
N LEU A 54 13.18 -2.21 9.24
CA LEU A 54 12.24 -1.96 8.16
C LEU A 54 10.86 -2.43 8.58
N GLU A 55 9.92 -1.51 8.65
CA GLU A 55 8.57 -1.82 9.09
C GLU A 55 7.57 -1.46 7.99
N ARG A 56 6.34 -1.93 8.13
CA ARG A 56 5.30 -1.61 7.16
C ARG A 56 4.07 -1.05 7.87
N ARG A 57 3.48 -0.03 7.28
CA ARG A 57 2.19 0.48 7.71
C ARG A 57 1.33 0.70 6.48
N GLY A 58 0.24 -0.06 6.37
CA GLY A 58 -0.56 -0.06 5.17
C GLY A 58 0.32 -0.49 4.01
N LYS A 59 0.37 0.32 2.96
CA LYS A 59 1.26 0.04 1.83
C LYS A 59 2.57 0.84 1.90
N PHE A 60 2.76 1.56 3.00
CA PHE A 60 4.00 2.30 3.23
C PHE A 60 5.08 1.43 3.84
N LEU A 61 6.31 1.59 3.34
CA LEU A 61 7.47 1.00 3.98
C LEU A 61 8.14 2.07 4.85
N LYS A 62 8.54 1.70 6.06
CA LYS A 62 9.24 2.62 6.94
C LYS A 62 10.65 2.10 7.22
N PHE A 63 11.63 2.71 6.55
CA PHE A 63 13.03 2.37 6.79
C PHE A 63 13.50 3.10 8.03
N LEU A 64 13.95 2.34 9.03
CA LEU A 64 14.45 2.93 10.27
C LEU A 64 15.97 3.06 10.22
N LEU A 65 16.46 4.29 10.33
CA LEU A 65 17.90 4.54 10.35
C LEU A 65 18.35 4.88 11.77
N ASP A 66 19.49 5.53 11.90
CA ASP A 66 19.99 5.91 13.22
C ASP A 66 19.11 6.99 13.86
N ARG A 67 18.93 8.08 13.14
CA ARG A 67 18.15 9.21 13.64
C ARG A 67 16.83 9.36 12.90
N ASP A 68 16.85 9.12 11.60
CA ASP A 68 15.68 9.37 10.75
C ASP A 68 14.91 8.10 10.39
N ALA A 69 13.69 8.30 9.91
CA ALA A 69 12.93 7.26 9.24
C ALA A 69 12.69 7.70 7.80
N LEU A 70 12.80 6.76 6.87
CA LEU A 70 12.44 7.00 5.48
C LEU A 70 11.11 6.33 5.20
N ILE A 71 10.09 7.13 4.86
CA ILE A 71 8.77 6.61 4.56
C ILE A 71 8.57 6.55 3.05
N SER A 72 8.36 5.35 2.53
CA SER A 72 8.33 5.12 1.08
C SER A 72 7.04 4.44 0.62
N HIS A 73 6.43 4.96 -0.45
CA HIS A 73 5.27 4.34 -1.07
C HIS A 73 5.56 4.08 -2.54
N LEU A 74 5.34 2.84 -2.98
CA LEU A 74 5.69 2.43 -4.34
C LEU A 74 4.57 2.69 -5.36
N ARG A 75 3.38 2.99 -4.87
CA ARG A 75 2.21 3.14 -5.73
C ARG A 75 2.07 1.91 -6.64
N MET A 76 1.74 2.15 -7.90
CA MET A 76 1.42 1.05 -8.82
C MET A 76 2.58 0.13 -9.15
N GLU A 77 3.72 0.71 -9.52
CA GLU A 77 4.78 -0.07 -10.14
C GLU A 77 6.18 0.16 -9.55
N GLY A 78 6.25 0.84 -8.41
CA GLY A 78 7.53 1.06 -7.74
C GLY A 78 8.17 -0.26 -7.34
N ARG A 79 9.50 -0.31 -7.36
CA ARG A 79 10.23 -1.52 -7.00
C ARG A 79 11.59 -1.19 -6.37
N TYR A 80 11.97 -1.94 -5.34
CA TYR A 80 13.30 -1.84 -4.75
C TYR A 80 14.15 -3.03 -5.13
N ALA A 81 15.45 -2.80 -5.28
CA ALA A 81 16.41 -3.87 -5.53
C ALA A 81 17.73 -3.53 -4.86
N VAL A 82 18.45 -4.55 -4.41
CA VAL A 82 19.79 -4.35 -3.87
C VAL A 82 20.82 -4.96 -4.81
N ALA A 83 21.78 -4.15 -5.23
CA ALA A 83 22.76 -4.60 -6.22
C ALA A 83 24.07 -3.84 -6.11
N SER A 84 25.06 -4.27 -6.90
CA SER A 84 26.40 -3.70 -6.87
C SER A 84 26.48 -2.34 -7.55
N ALA A 85 27.24 -1.42 -6.95
CA ALA A 85 27.47 -0.12 -7.54
C ALA A 85 28.33 -0.21 -8.81
N LEU A 86 28.90 -1.38 -9.06
CA LEU A 86 29.77 -1.57 -10.23
C LEU A 86 28.97 -1.88 -11.50
N GLU A 87 27.71 -2.24 -11.33
CA GLU A 87 26.88 -2.65 -12.46
C GLU A 87 25.98 -1.50 -12.93
N PRO A 88 25.64 -1.50 -14.23
CA PRO A 88 24.76 -0.45 -14.77
C PRO A 88 23.38 -0.49 -14.12
N LEU A 89 22.82 0.68 -13.85
CA LEU A 89 21.47 0.76 -13.31
C LEU A 89 20.45 0.25 -14.31
N GLU A 90 19.36 -0.33 -13.81
CA GLU A 90 18.25 -0.74 -14.67
C GLU A 90 17.48 0.51 -15.11
N PRO A 91 16.71 0.39 -16.19
CA PRO A 91 15.90 1.52 -16.68
C PRO A 91 14.92 2.02 -15.62
N HIS A 92 14.64 3.33 -15.66
CA HIS A 92 13.65 3.94 -14.77
C HIS A 92 14.07 3.95 -13.30
N THR A 93 15.37 3.98 -13.05
CA THR A 93 15.87 4.09 -11.68
C THR A 93 15.92 5.56 -11.27
N HIS A 94 15.18 5.91 -10.22
CA HIS A 94 15.00 7.32 -9.87
C HIS A 94 15.70 7.76 -8.59
N VAL A 95 15.92 6.81 -7.68
CA VAL A 95 16.63 7.11 -6.44
C VAL A 95 17.53 5.94 -6.10
N VAL A 96 18.76 6.23 -5.69
CA VAL A 96 19.71 5.19 -5.31
C VAL A 96 20.38 5.53 -3.98
N PHE A 97 20.33 4.59 -3.05
CA PHE A 97 21.02 4.75 -1.77
C PHE A 97 22.30 3.93 -1.83
N CYS A 98 23.43 4.61 -1.77
CA CYS A 98 24.73 3.95 -1.88
C CYS A 98 25.29 3.64 -0.50
N PHE A 99 25.65 2.38 -0.26
CA PHE A 99 26.20 1.96 1.03
C PHE A 99 27.72 1.90 0.99
N THR A 100 28.35 1.98 2.16
CA THR A 100 29.81 1.97 2.26
C THR A 100 30.44 0.65 1.81
N ASP A 101 29.64 -0.39 1.67
CA ASP A 101 30.16 -1.70 1.27
C ASP A 101 30.07 -1.91 -0.24
N GLY A 102 29.80 -0.84 -0.97
CA GLY A 102 29.77 -0.90 -2.43
C GLY A 102 28.48 -1.45 -3.00
N SER A 103 27.51 -1.76 -2.13
CA SER A 103 26.19 -2.15 -2.59
C SER A 103 25.24 -0.95 -2.59
N GLU A 104 24.08 -1.10 -3.23
CA GLU A 104 23.12 -0.02 -3.39
C GLU A 104 21.70 -0.52 -3.20
N LEU A 105 20.86 0.32 -2.59
CA LEU A 105 19.43 0.11 -2.60
C LEU A 105 18.84 1.01 -3.69
N ARG A 106 18.25 0.40 -4.71
CA ARG A 106 17.77 1.16 -5.85
C ARG A 106 16.25 1.18 -5.93
N TYR A 107 15.71 2.36 -6.19
CA TYR A 107 14.27 2.51 -6.39
C TYR A 107 13.96 2.79 -7.86
N ARG A 108 13.19 1.89 -8.47
N ARG A 108 13.18 1.90 -8.48
CA ARG A 108 12.74 2.03 -9.85
CA ARG A 108 12.78 2.14 -9.87
C ARG A 108 11.24 2.29 -9.87
C ARG A 108 11.26 2.10 -10.03
N ASP A 109 10.77 2.98 -10.91
CA ASP A 109 9.35 3.26 -11.02
C ASP A 109 9.06 3.85 -12.39
N VAL A 110 8.63 3.02 -13.33
CA VAL A 110 8.35 3.48 -14.69
C VAL A 110 7.37 4.64 -14.70
N ARG A 111 6.42 4.63 -13.77
CA ARG A 111 5.37 5.64 -13.73
C ARG A 111 5.74 6.88 -12.90
N LYS A 112 6.77 6.76 -12.08
CA LYS A 112 7.23 7.88 -11.25
C LYS A 112 6.18 8.38 -10.27
N PHE A 113 5.28 7.51 -9.84
CA PHE A 113 4.23 7.92 -8.91
C PHE A 113 4.62 7.75 -7.44
N GLY A 114 5.69 7.01 -7.19
CA GLY A 114 6.11 6.74 -5.83
C GLY A 114 6.51 7.99 -5.06
N THR A 115 6.52 7.90 -3.74
CA THR A 115 6.86 9.03 -2.89
C THR A 115 7.83 8.64 -1.78
N MET A 116 8.62 9.60 -1.32
CA MET A 116 9.53 9.41 -0.20
C MET A 116 9.50 10.61 0.74
N HIS A 117 9.34 10.33 2.03
CA HIS A 117 9.40 11.36 3.08
C HIS A 117 10.42 10.93 4.12
N VAL A 118 11.28 11.85 4.55
CA VAL A 118 12.22 11.57 5.64
C VAL A 118 11.99 12.54 6.81
N TYR A 119 11.84 11.98 8.00
CA TYR A 119 11.73 12.78 9.23
C TYR A 119 12.55 12.12 10.33
N ALA A 120 12.88 12.87 11.37
CA ALA A 120 13.36 12.26 12.60
C ALA A 120 12.38 11.15 12.97
N LYS A 121 12.89 10.01 13.40
CA LYS A 121 12.05 8.85 13.67
C LYS A 121 10.83 9.16 14.54
N GLU A 122 11.04 9.95 15.59
CA GLU A 122 9.97 10.23 16.55
C GLU A 122 8.85 11.10 15.96
N GLU A 123 9.09 11.69 14.80
CA GLU A 123 8.10 12.54 14.14
C GLU A 123 7.30 11.80 13.08
N ALA A 124 7.90 10.75 12.51
CA ALA A 124 7.32 10.09 11.35
C ALA A 124 5.84 9.75 11.47
N ASP A 125 5.44 9.22 12.63
CA ASP A 125 4.07 8.78 12.81
C ASP A 125 3.05 9.92 12.95
N ARG A 126 3.52 11.12 13.26
CA ARG A 126 2.61 12.26 13.40
C ARG A 126 2.71 13.25 12.23
N ARG A 127 3.34 12.83 11.14
CA ARG A 127 3.48 13.65 9.96
C ARG A 127 2.99 12.88 8.73
N PRO A 128 2.73 13.59 7.62
CA PRO A 128 2.38 12.89 6.39
C PRO A 128 3.56 12.04 5.92
N PRO A 129 3.29 10.92 5.26
CA PRO A 129 1.96 10.43 4.90
C PRO A 129 1.39 9.42 5.89
N LEU A 130 1.99 9.26 7.06
CA LEU A 130 1.54 8.24 8.01
C LEU A 130 0.48 8.75 8.97
N ALA A 131 0.45 10.05 9.20
CA ALA A 131 -0.55 10.64 10.07
C ALA A 131 -1.94 10.37 9.50
N GLU A 132 -2.86 10.01 10.37
CA GLU A 132 -4.25 9.77 9.99
C GLU A 132 -4.48 8.40 9.34
N LEU A 133 -3.40 7.67 9.09
CA LEU A 133 -3.53 6.32 8.54
C LEU A 133 -4.40 5.47 9.46
N GLY A 134 -5.38 4.80 8.89
CA GLY A 134 -6.26 3.92 9.66
C GLY A 134 -5.55 2.68 10.14
N PRO A 135 -6.27 1.84 10.91
CA PRO A 135 -5.69 0.63 11.49
C PRO A 135 -5.35 -0.42 10.44
N GLU A 136 -4.39 -1.29 10.74
CA GLU A 136 -4.07 -2.41 9.88
C GLU A 136 -5.30 -3.31 9.75
N PRO A 137 -5.60 -3.74 8.52
CA PRO A 137 -6.78 -4.60 8.30
C PRO A 137 -6.70 -5.93 9.07
N LEU A 138 -5.49 -6.39 9.37
CA LEU A 138 -5.31 -7.66 10.05
C LEU A 138 -5.12 -7.53 11.56
N SER A 139 -5.37 -6.33 12.09
CA SER A 139 -5.20 -6.08 13.51
C SER A 139 -6.55 -5.94 14.23
N PRO A 140 -6.57 -6.23 15.53
CA PRO A 140 -7.77 -6.07 16.35
C PRO A 140 -8.32 -4.64 16.25
N ALA A 141 -7.45 -3.68 15.97
CA ALA A 141 -7.85 -2.29 15.85
C ALA A 141 -8.87 -2.09 14.73
N PHE A 142 -8.80 -2.94 13.72
CA PHE A 142 -9.80 -2.92 12.65
C PHE A 142 -10.89 -3.94 12.95
N SER A 143 -12.01 -3.47 13.50
CA SER A 143 -13.09 -4.34 13.91
C SER A 143 -14.38 -4.00 13.17
N PRO A 144 -15.36 -4.92 13.20
CA PRO A 144 -16.67 -4.61 12.63
C PRO A 144 -17.23 -3.33 13.23
N ALA A 145 -17.01 -3.14 14.53
CA ALA A 145 -17.51 -1.95 15.22
C ALA A 145 -16.92 -0.68 14.60
N VAL A 146 -15.61 -0.68 14.38
CA VAL A 146 -14.93 0.47 13.78
C VAL A 146 -15.46 0.73 12.38
N LEU A 147 -15.63 -0.33 11.60
CA LEU A 147 -16.14 -0.22 10.24
C LEU A 147 -17.56 0.32 10.25
N ALA A 148 -18.39 -0.21 11.15
CA ALA A 148 -19.78 0.22 11.26
C ALA A 148 -19.85 1.71 11.59
N GLU A 149 -18.98 2.17 12.48
CA GLU A 149 -18.95 3.57 12.90
C GLU A 149 -18.68 4.51 11.73
N ARG A 150 -17.72 4.15 10.89
CA ARG A 150 -17.40 4.97 9.72
C ARG A 150 -18.51 4.91 8.69
N ALA A 151 -19.14 3.75 8.57
CA ALA A 151 -20.16 3.52 7.54
C ALA A 151 -21.43 4.35 7.79
N VAL A 152 -21.82 4.47 9.05
CA VAL A 152 -23.06 5.17 9.38
C VAL A 152 -22.93 6.68 9.24
N LYS A 153 -21.71 7.19 9.36
CA LYS A 153 -21.49 8.63 9.39
C LYS A 153 -21.11 9.24 8.04
N THR A 154 -21.25 8.47 6.97
CA THR A 154 -20.90 8.95 5.64
C THR A 154 -22.01 8.76 4.62
N LYS A 155 -21.98 9.55 3.56
CA LYS A 155 -22.95 9.43 2.47
C LYS A 155 -22.32 8.77 1.25
N ARG A 156 -21.05 8.40 1.36
CA ARG A 156 -20.33 7.80 0.26
C ARG A 156 -20.72 6.34 0.06
N SER A 157 -20.29 5.77 -1.05
CA SER A 157 -20.51 4.35 -1.33
C SER A 157 -19.64 3.50 -0.41
N VAL A 158 -19.97 2.22 -0.31
CA VAL A 158 -19.19 1.31 0.52
C VAL A 158 -17.79 1.12 -0.07
N LYS A 159 -17.69 1.13 -1.39
CA LYS A 159 -16.39 1.01 -2.05
C LYS A 159 -15.50 2.23 -1.73
N ALA A 160 -16.08 3.42 -1.83
CA ALA A 160 -15.34 4.64 -1.51
C ALA A 160 -14.84 4.59 -0.07
N LEU A 161 -15.65 4.01 0.80
CA LEU A 161 -15.30 3.91 2.21
C LEU A 161 -14.08 3.02 2.43
N LEU A 162 -14.07 1.87 1.77
CA LEU A 162 -12.99 0.89 1.94
C LEU A 162 -11.68 1.39 1.33
N LEU A 163 -11.79 2.24 0.31
CA LEU A 163 -10.61 2.79 -0.35
C LEU A 163 -9.98 3.92 0.46
N ASP A 164 -10.69 4.38 1.48
CA ASP A 164 -10.24 5.49 2.31
C ASP A 164 -9.16 5.03 3.29
N CYS A 165 -7.94 5.53 3.10
CA CYS A 165 -6.81 5.12 3.94
C CYS A 165 -7.00 5.46 5.42
N THR A 166 -7.90 6.40 5.73
CA THR A 166 -8.17 6.77 7.12
C THR A 166 -9.09 5.75 7.79
N VAL A 167 -9.81 4.98 6.97
CA VAL A 167 -10.73 3.97 7.48
C VAL A 167 -10.00 2.68 7.79
N VAL A 168 -9.16 2.25 6.84
CA VAL A 168 -8.37 1.04 6.99
C VAL A 168 -7.10 1.18 6.13
N ALA A 169 -5.99 0.69 6.65
CA ALA A 169 -4.69 0.96 6.05
C ALA A 169 -4.35 0.09 4.84
N GLY A 170 -4.26 0.72 3.67
CA GLY A 170 -3.73 0.08 2.48
C GLY A 170 -4.56 -1.02 1.85
N PHE A 171 -5.88 -0.86 1.87
CA PHE A 171 -6.76 -1.82 1.22
C PHE A 171 -6.98 -1.41 -0.24
N GLY A 172 -6.31 -2.12 -1.15
CA GLY A 172 -6.27 -1.73 -2.54
C GLY A 172 -7.53 -2.05 -3.33
N ASN A 173 -7.62 -1.48 -4.53
CA ASN A 173 -8.78 -1.65 -5.39
C ASN A 173 -9.15 -3.11 -5.63
N ILE A 174 -8.15 -3.93 -5.91
CA ILE A 174 -8.39 -5.35 -6.17
C ILE A 174 -9.05 -6.04 -4.99
N TYR A 175 -8.57 -5.76 -3.79
CA TYR A 175 -9.09 -6.42 -2.60
C TYR A 175 -10.45 -5.86 -2.17
N VAL A 176 -10.69 -4.59 -2.49
CA VAL A 176 -12.01 -4.02 -2.26
C VAL A 176 -13.06 -4.76 -3.09
N ASP A 177 -12.81 -4.89 -4.39
CA ASP A 177 -13.74 -5.57 -5.29
C ASP A 177 -13.93 -7.03 -4.90
N GLU A 178 -12.82 -7.72 -4.61
CA GLU A 178 -12.89 -9.13 -4.24
C GLU A 178 -13.65 -9.32 -2.92
N SER A 179 -13.35 -8.48 -1.93
CA SER A 179 -14.02 -8.57 -0.63
C SER A 179 -15.52 -8.32 -0.75
N LEU A 180 -15.89 -7.32 -1.54
CA LEU A 180 -17.30 -6.98 -1.73
C LEU A 180 -18.04 -8.12 -2.43
N PHE A 181 -17.42 -8.74 -3.41
CA PHE A 181 -18.02 -9.91 -4.05
C PHE A 181 -18.23 -11.03 -3.03
N ARG A 182 -17.18 -11.37 -2.30
CA ARG A 182 -17.24 -12.45 -1.33
C ARG A 182 -18.26 -12.18 -0.22
N ALA A 183 -18.51 -10.91 0.06
CA ALA A 183 -19.49 -10.54 1.08
C ALA A 183 -20.90 -10.38 0.47
N GLY A 184 -20.99 -10.43 -0.84
CA GLY A 184 -22.27 -10.35 -1.53
C GLY A 184 -22.88 -8.95 -1.52
N ILE A 185 -22.03 -7.93 -1.58
CA ILE A 185 -22.47 -6.55 -1.46
C ILE A 185 -22.07 -5.74 -2.69
N LEU A 186 -23.02 -5.05 -3.31
CA LEU A 186 -22.72 -4.20 -4.46
C LEU A 186 -21.83 -3.03 -4.06
N PRO A 187 -20.79 -2.75 -4.87
CA PRO A 187 -19.82 -1.70 -4.56
C PRO A 187 -20.44 -0.31 -4.51
N GLY A 188 -21.52 -0.11 -5.24
CA GLY A 188 -22.17 1.18 -5.32
C GLY A 188 -23.16 1.45 -4.20
N ARG A 189 -23.39 0.44 -3.36
CA ARG A 189 -24.29 0.60 -2.22
C ARG A 189 -23.79 1.73 -1.33
N PRO A 190 -24.71 2.60 -0.89
CA PRO A 190 -24.34 3.60 0.12
C PRO A 190 -23.79 2.89 1.34
N ALA A 191 -22.66 3.35 1.87
CA ALA A 191 -22.05 2.72 3.04
C ALA A 191 -23.05 2.62 4.19
N ALA A 192 -23.89 3.64 4.33
CA ALA A 192 -24.83 3.71 5.43
C ALA A 192 -26.03 2.77 5.27
N SER A 193 -26.17 2.19 4.07
CA SER A 193 -27.30 1.30 3.82
C SER A 193 -27.00 -0.13 4.27
N LEU A 194 -25.76 -0.40 4.63
CA LEU A 194 -25.35 -1.72 5.07
C LEU A 194 -25.89 -2.05 6.46
N SER A 195 -26.51 -3.23 6.57
CA SER A 195 -27.00 -3.71 7.85
C SER A 195 -25.84 -4.16 8.73
N SER A 196 -26.14 -4.39 10.01
CA SER A 196 -25.12 -4.88 10.93
C SER A 196 -24.58 -6.22 10.44
N LYS A 197 -25.47 -7.03 9.86
CA LYS A 197 -25.09 -8.32 9.32
C LYS A 197 -24.15 -8.17 8.14
N GLU A 198 -24.44 -7.20 7.27
CA GLU A 198 -23.61 -6.95 6.11
C GLU A 198 -22.25 -6.38 6.50
N ILE A 199 -22.23 -5.53 7.52
CA ILE A 199 -20.96 -4.99 8.04
C ILE A 199 -20.10 -6.13 8.59
N GLU A 200 -20.73 -7.00 9.37
CA GLU A 200 -20.03 -8.14 9.96
C GLU A 200 -19.44 -9.03 8.86
N ARG A 201 -20.26 -9.36 7.87
CA ARG A 201 -19.82 -10.20 6.76
C ARG A 201 -18.70 -9.55 5.97
N LEU A 202 -18.83 -8.26 5.71
CA LEU A 202 -17.81 -7.52 4.95
C LEU A 202 -16.47 -7.52 5.67
N HIS A 203 -16.48 -7.20 6.96
CA HIS A 203 -15.25 -7.22 7.75
C HIS A 203 -14.60 -8.60 7.68
N GLU A 204 -15.42 -9.63 7.84
CA GLU A 204 -14.96 -11.01 7.77
C GLU A 204 -14.26 -11.30 6.46
N GLU A 205 -14.88 -10.90 5.35
CA GLU A 205 -14.32 -11.15 4.03
C GLU A 205 -13.08 -10.29 3.73
N MET A 206 -13.06 -9.07 4.26
CA MET A 206 -11.90 -8.21 4.09
C MET A 206 -10.67 -8.83 4.74
N VAL A 207 -10.86 -9.35 5.95
CA VAL A 207 -9.76 -9.98 6.69
C VAL A 207 -9.33 -11.28 6.02
N ALA A 208 -10.30 -12.06 5.57
CA ALA A 208 -10.02 -13.34 4.92
C ALA A 208 -9.28 -13.14 3.60
N THR A 209 -9.75 -12.19 2.80
CA THR A 209 -9.16 -11.94 1.49
C THR A 209 -7.71 -11.47 1.59
N ILE A 210 -7.49 -10.42 2.37
CA ILE A 210 -6.15 -9.86 2.52
C ILE A 210 -5.25 -10.81 3.30
N GLY A 211 -5.85 -11.52 4.27
CA GLY A 211 -5.11 -12.46 5.09
C GLY A 211 -4.63 -13.67 4.31
N GLU A 212 -5.45 -14.14 3.38
CA GLU A 212 -5.08 -15.24 2.50
C GLU A 212 -3.93 -14.83 1.59
N ALA A 213 -3.98 -13.58 1.11
CA ALA A 213 -2.99 -13.08 0.16
C ALA A 213 -1.60 -12.93 0.78
N VAL A 214 -1.54 -12.55 2.05
CA VAL A 214 -0.26 -12.40 2.73
C VAL A 214 0.37 -13.76 2.99
N MET A 215 -0.42 -14.82 2.84
CA MET A 215 0.06 -16.18 3.04
C MET A 215 0.51 -16.80 1.72
N HIS A 237 -6.92 -17.31 -6.73
CA HIS A 237 -7.59 -16.86 -7.93
C HIS A 237 -8.59 -15.75 -7.63
N LEU A 238 -8.92 -14.96 -8.65
CA LEU A 238 -9.83 -13.83 -8.49
C LEU A 238 -11.25 -14.17 -8.90
N TYR A 239 -12.23 -13.57 -8.24
CA TYR A 239 -13.63 -13.78 -8.57
C TYR A 239 -14.15 -12.75 -9.58
N VAL A 240 -13.76 -11.49 -9.39
CA VAL A 240 -14.32 -10.41 -10.21
C VAL A 240 -13.29 -9.47 -10.85
N TYR A 241 -12.22 -9.17 -10.12
CA TYR A 241 -11.27 -8.17 -10.59
C TYR A 241 -10.66 -8.54 -11.95
N GLY A 242 -10.86 -7.67 -12.92
CA GLY A 242 -10.33 -7.89 -14.27
C GLY A 242 -10.99 -9.04 -15.01
N ARG A 243 -12.15 -9.47 -14.54
CA ARG A 243 -12.84 -10.61 -15.15
C ARG A 243 -14.10 -10.21 -15.91
N GLN A 244 -14.25 -8.91 -16.16
CA GLN A 244 -15.45 -8.41 -16.84
C GLN A 244 -15.70 -9.16 -18.15
N GLY A 245 -16.96 -9.49 -18.41
CA GLY A 245 -17.34 -10.19 -19.62
C GLY A 245 -17.22 -11.70 -19.48
N ASN A 246 -16.53 -12.14 -18.43
CA ASN A 246 -16.40 -13.57 -18.17
C ASN A 246 -17.42 -14.04 -17.14
N PRO A 247 -17.74 -15.35 -17.15
CA PRO A 247 -18.74 -15.92 -16.25
C PRO A 247 -18.30 -15.85 -14.79
N CYS A 248 -19.21 -15.44 -13.91
CA CYS A 248 -18.96 -15.51 -12.47
C CYS A 248 -18.63 -16.95 -12.10
N LYS A 249 -17.62 -17.12 -11.25
CA LYS A 249 -17.20 -18.46 -10.86
C LYS A 249 -18.19 -19.14 -9.91
N ARG A 250 -19.12 -18.36 -9.37
N ARG A 250 -19.14 -18.36 -9.39
CA ARG A 250 -20.11 -18.90 -8.44
CA ARG A 250 -20.11 -18.87 -8.43
C ARG A 250 -21.47 -19.14 -9.11
C ARG A 250 -21.50 -19.08 -9.03
N CYS A 251 -21.88 -18.25 -9.99
CA CYS A 251 -23.22 -18.35 -10.59
C CYS A 251 -23.25 -18.33 -12.11
N GLY A 252 -22.13 -18.04 -12.75
CA GLY A 252 -22.05 -18.07 -14.20
C GLY A 252 -22.51 -16.79 -14.90
N THR A 253 -23.05 -15.85 -14.14
CA THR A 253 -23.47 -14.57 -14.68
C THR A 253 -22.25 -13.76 -15.12
N PRO A 254 -22.32 -13.12 -16.30
CA PRO A 254 -21.18 -12.31 -16.75
C PRO A 254 -20.80 -11.24 -15.74
N ILE A 255 -19.52 -11.19 -15.39
CA ILE A 255 -19.02 -10.14 -14.53
C ILE A 255 -19.08 -8.81 -15.27
N GLU A 256 -19.47 -7.76 -14.55
CA GLU A 256 -19.59 -6.45 -15.17
C GLU A 256 -18.57 -5.48 -14.58
N LYS A 257 -18.25 -4.44 -15.34
CA LYS A 257 -17.30 -3.43 -14.90
C LYS A 257 -17.88 -2.03 -15.11
N THR A 258 -17.78 -1.21 -14.06
CA THR A 258 -18.22 0.17 -14.13
C THR A 258 -17.20 1.03 -13.40
N VAL A 259 -17.53 2.30 -13.21
CA VAL A 259 -16.68 3.19 -12.44
C VAL A 259 -17.38 3.61 -11.14
N VAL A 260 -16.73 3.34 -10.01
CA VAL A 260 -17.24 3.76 -8.72
C VAL A 260 -16.11 4.41 -7.93
N ALA A 261 -16.35 5.62 -7.44
CA ALA A 261 -15.33 6.39 -6.75
C ALA A 261 -14.11 6.59 -7.64
N GLY A 262 -14.36 6.78 -8.94
CA GLY A 262 -13.31 7.06 -9.89
C GLY A 262 -12.41 5.88 -10.21
N ARG A 263 -12.78 4.70 -9.74
CA ARG A 263 -11.97 3.50 -9.93
C ARG A 263 -12.69 2.46 -10.77
N GLY A 264 -11.91 1.69 -11.53
CA GLY A 264 -12.44 0.53 -12.21
C GLY A 264 -13.06 -0.39 -11.17
N THR A 265 -14.32 -0.76 -11.40
CA THR A 265 -15.07 -1.50 -10.40
C THR A 265 -15.73 -2.72 -11.02
N HIS A 266 -15.42 -3.89 -10.48
CA HIS A 266 -15.89 -5.15 -11.03
C HIS A 266 -16.80 -5.86 -10.05
N TYR A 267 -17.88 -6.44 -10.55
CA TYR A 267 -18.85 -7.07 -9.68
C TYR A 267 -19.74 -8.05 -10.43
N CYS A 268 -20.36 -8.97 -9.69
CA CYS A 268 -21.39 -9.83 -10.24
C CYS A 268 -22.76 -9.31 -9.82
N PRO A 269 -23.61 -9.00 -10.81
CA PRO A 269 -24.92 -8.39 -10.54
C PRO A 269 -25.91 -9.39 -9.92
N ARG A 270 -25.56 -10.67 -9.87
CA ARG A 270 -26.43 -11.66 -9.24
C ARG A 270 -26.01 -11.98 -7.81
N CYS A 271 -24.72 -12.23 -7.60
CA CYS A 271 -24.20 -12.58 -6.29
C CYS A 271 -24.19 -11.38 -5.34
N GLN A 272 -24.05 -10.18 -5.88
CA GLN A 272 -23.95 -8.98 -5.06
C GLN A 272 -25.23 -8.15 -5.11
N ARG A 273 -25.65 -7.66 -3.96
CA ARG A 273 -26.88 -6.88 -3.86
C ARG A 273 -26.71 -5.62 -3.04
#